data_3SXJ
#
_entry.id   3SXJ
#
_cell.length_a   120.797
_cell.length_b   59.685
_cell.length_c   77.622
_cell.angle_alpha   90.00
_cell.angle_beta   104.61
_cell.angle_gamma   90.00
#
_symmetry.space_group_name_H-M   'C 1 2 1'
#
loop_
_entity.id
_entity.type
_entity.pdbx_description
1 polymer 'Putative methyltransferase'
2 non-polymer S-ADENOSYLMETHIONINE
3 water water
#
_entity_poly.entity_id   1
_entity_poly.type   'polypeptide(L)'
_entity_poly.pdbx_seq_one_letter_code
;MHHHHHHSNNNTSIHDFDFSFICNYFKLLKRQGPGSPEATRKAVSFINELTDDAKIADIGCGTGGQTLFLADYVKGQITG
IDLFPDFIEIFNENAVKANCADRVKGITGSMDNLPFQNEELDLIWSEGAIYNIGFERGMNEWSKYLKKGGFIAVSEASWF
TSERPAEIEDFWMDAYPEISVIPTCIDKMERAGYTPTAHFILPENCWTEHYFAPQDEVRETFMKEHAGNKTAMDFMKGQQ
YERSLYSKYKDYYGYVFYIGQKR
;
_entity_poly.pdbx_strand_id   A,B
#
# COMPACT_ATOMS: atom_id res chain seq x y z
N PHE A 19 2.49 31.52 14.40
CA PHE A 19 3.57 30.62 13.87
C PHE A 19 4.91 31.37 13.81
N SER A 20 5.36 31.88 14.95
CA SER A 20 6.63 32.61 15.05
C SER A 20 7.68 31.86 15.88
N PHE A 21 7.68 32.03 17.21
CA PHE A 21 8.64 31.37 18.09
C PHE A 21 8.53 29.84 17.98
N ILE A 22 7.39 29.37 17.48
CA ILE A 22 7.16 27.94 17.33
C ILE A 22 8.33 27.32 16.57
N CYS A 23 8.76 27.97 15.49
CA CYS A 23 9.85 27.45 14.68
C CYS A 23 11.14 27.26 15.47
N ASN A 24 11.36 28.09 16.49
CA ASN A 24 12.57 27.95 17.30
C ASN A 24 12.46 26.72 18.19
N TYR A 25 11.26 26.13 18.22
CA TYR A 25 11.01 24.93 18.98
C TYR A 25 11.27 23.73 18.06
N PHE A 26 10.64 23.76 16.89
CA PHE A 26 10.78 22.69 15.91
C PHE A 26 12.16 22.55 15.26
N LYS A 27 12.91 23.64 15.13
CA LYS A 27 14.24 23.56 14.53
C LYS A 27 15.19 22.70 15.39
N LEU A 28 14.75 22.39 16.60
CA LEU A 28 15.54 21.57 17.51
C LEU A 28 15.34 20.11 17.13
N LEU A 29 14.08 19.73 16.95
CA LEU A 29 13.68 18.38 16.60
C LEU A 29 14.23 17.90 15.27
N LYS A 30 14.44 16.59 15.16
CA LYS A 30 14.99 15.98 13.96
C LYS A 30 13.90 15.73 12.94
N ARG A 31 12.65 15.78 13.39
CA ARG A 31 11.48 15.60 12.53
C ARG A 31 10.39 16.53 13.06
N GLN A 32 9.72 17.25 12.14
CA GLN A 32 8.68 18.17 12.56
C GLN A 32 7.30 17.56 12.33
N GLY A 33 7.30 16.31 11.88
CA GLY A 33 6.07 15.57 11.61
C GLY A 33 6.29 14.08 11.81
N PRO A 34 5.22 13.27 11.96
CA PRO A 34 5.32 11.82 12.16
C PRO A 34 5.94 11.07 10.99
N GLY A 35 6.76 10.08 11.29
CA GLY A 35 7.38 9.29 10.24
C GLY A 35 8.50 8.41 10.80
N SER A 36 9.22 7.73 9.93
CA SER A 36 10.32 6.88 10.36
C SER A 36 11.10 6.39 9.15
N PRO A 37 12.35 5.96 9.35
CA PRO A 37 13.11 5.47 8.20
C PRO A 37 12.42 4.32 7.47
N GLU A 38 11.60 3.56 8.20
CA GLU A 38 10.87 2.43 7.63
C GLU A 38 9.76 2.90 6.70
N ALA A 39 9.02 3.92 7.13
CA ALA A 39 7.93 4.45 6.31
C ALA A 39 8.48 4.99 4.99
N THR A 40 9.47 5.86 5.07
CA THR A 40 10.03 6.44 3.86
C THR A 40 10.49 5.32 2.94
N ARG A 41 11.23 4.36 3.50
CA ARG A 41 11.75 3.24 2.74
C ARG A 41 10.64 2.40 2.11
N LYS A 42 9.50 2.27 2.80
CA LYS A 42 8.40 1.50 2.24
C LYS A 42 7.74 2.26 1.09
N ALA A 43 7.63 3.57 1.23
CA ALA A 43 7.04 4.36 0.16
C ALA A 43 7.92 4.20 -1.08
N VAL A 44 9.23 4.26 -0.88
CA VAL A 44 10.17 4.11 -1.99
C VAL A 44 9.99 2.77 -2.71
N SER A 45 9.67 1.72 -1.96
CA SER A 45 9.50 0.38 -2.58
C SER A 45 8.40 0.34 -3.64
N PHE A 46 7.58 1.37 -3.68
CA PHE A 46 6.50 1.39 -4.66
C PHE A 46 6.79 2.22 -5.90
N ILE A 47 7.86 3.00 -5.89
CA ILE A 47 8.15 3.78 -7.07
C ILE A 47 9.16 3.05 -7.94
N ASN A 48 9.40 3.55 -9.13
CA ASN A 48 10.37 2.92 -10.01
C ASN A 48 11.79 3.34 -9.68
N GLU A 49 12.72 2.49 -10.06
CA GLU A 49 14.10 2.78 -9.79
C GLU A 49 14.55 4.04 -10.53
N LEU A 50 15.42 4.81 -9.88
CA LEU A 50 15.91 6.04 -10.46
C LEU A 50 17.40 5.98 -10.72
N THR A 51 17.87 6.90 -11.57
CA THR A 51 19.29 6.98 -11.88
C THR A 51 19.88 8.24 -11.27
N ASP A 52 21.21 8.32 -11.26
CA ASP A 52 21.89 9.47 -10.68
C ASP A 52 21.51 10.75 -11.41
N ASP A 53 20.87 10.60 -12.58
CA ASP A 53 20.45 11.75 -13.37
C ASP A 53 18.98 12.09 -13.17
N ALA A 54 18.37 11.48 -12.15
CA ALA A 54 16.98 11.74 -11.85
C ALA A 54 16.83 13.04 -11.06
N LYS A 55 15.64 13.62 -11.09
CA LYS A 55 15.41 14.86 -10.35
C LYS A 55 14.31 14.65 -9.33
N ILE A 56 14.67 14.81 -8.07
CA ILE A 56 13.73 14.62 -6.95
C ILE A 56 13.43 15.92 -6.20
N ALA A 57 12.21 16.01 -5.70
CA ALA A 57 11.82 17.19 -4.94
C ALA A 57 11.02 16.83 -3.69
N ASP A 58 11.52 17.25 -2.54
CA ASP A 58 10.83 16.99 -1.28
C ASP A 58 10.17 18.31 -0.84
N ILE A 59 8.86 18.42 -1.07
CA ILE A 59 8.11 19.61 -0.72
C ILE A 59 7.66 19.68 0.74
N GLY A 60 8.02 20.76 1.41
CA GLY A 60 7.68 20.92 2.82
C GLY A 60 8.64 20.05 3.60
N CYS A 61 9.89 20.05 3.15
CA CYS A 61 10.94 19.24 3.74
C CYS A 61 11.27 19.48 5.20
N GLY A 62 11.14 20.71 5.68
CA GLY A 62 11.47 20.97 7.07
C GLY A 62 12.98 20.92 7.28
N THR A 63 13.44 20.34 8.38
CA THR A 63 14.87 20.26 8.62
C THR A 63 15.52 19.25 7.68
N GLY A 64 14.68 18.42 7.07
CA GLY A 64 15.20 17.43 6.15
C GLY A 64 15.40 16.08 6.81
N GLY A 65 14.65 15.83 7.88
CA GLY A 65 14.76 14.57 8.57
C GLY A 65 14.52 13.40 7.64
N GLN A 66 13.41 13.44 6.91
CA GLN A 66 13.09 12.35 6.00
C GLN A 66 13.75 12.48 4.65
N THR A 67 14.28 13.66 4.35
CA THR A 67 14.92 13.83 3.05
C THR A 67 16.21 13.02 3.01
N LEU A 68 16.91 12.94 4.13
CA LEU A 68 18.15 12.19 4.17
C LEU A 68 17.89 10.69 4.10
N PHE A 69 16.79 10.23 4.67
CA PHE A 69 16.47 8.80 4.60
C PHE A 69 16.27 8.50 3.13
N LEU A 70 15.45 9.33 2.50
CA LEU A 70 15.17 9.20 1.07
C LEU A 70 16.48 9.27 0.29
N ALA A 71 17.47 10.00 0.80
CA ALA A 71 18.74 10.10 0.13
C ALA A 71 19.48 8.78 0.02
N ASP A 72 19.27 7.90 1.00
CA ASP A 72 19.92 6.60 0.98
C ASP A 72 19.07 5.58 0.23
N TYR A 73 17.83 5.93 -0.05
CA TYR A 73 17.00 4.96 -0.75
C TYR A 73 16.84 5.16 -2.25
N VAL A 74 17.21 6.32 -2.78
CA VAL A 74 17.04 6.49 -4.21
C VAL A 74 18.19 7.29 -4.78
N LYS A 75 18.42 7.13 -6.08
CA LYS A 75 19.49 7.87 -6.75
C LYS A 75 18.89 9.13 -7.31
N GLY A 76 19.72 10.10 -7.65
CA GLY A 76 19.20 11.34 -8.19
C GLY A 76 19.52 12.59 -7.40
N GLN A 77 19.18 13.74 -7.98
CA GLN A 77 19.44 15.01 -7.32
C GLN A 77 18.20 15.42 -6.55
N ILE A 78 18.30 15.40 -5.23
CA ILE A 78 17.19 15.78 -4.38
C ILE A 78 17.21 17.26 -4.00
N THR A 79 16.05 17.89 -4.12
CA THR A 79 15.93 19.30 -3.77
C THR A 79 14.82 19.51 -2.75
N GLY A 80 15.20 19.77 -1.50
CA GLY A 80 14.22 20.01 -0.46
C GLY A 80 13.76 21.46 -0.49
N ILE A 81 12.47 21.69 -0.35
CA ILE A 81 11.93 23.04 -0.37
C ILE A 81 11.04 23.27 0.84
N ASP A 82 11.33 24.31 1.59
CA ASP A 82 10.52 24.66 2.76
C ASP A 82 10.30 26.18 2.78
N LEU A 83 9.31 26.62 3.55
CA LEU A 83 9.03 28.04 3.66
C LEU A 83 10.04 28.76 4.55
N PHE A 84 10.30 28.19 5.72
CA PHE A 84 11.22 28.78 6.69
C PHE A 84 12.71 28.61 6.40
N PRO A 85 13.44 29.72 6.26
CA PRO A 85 14.87 29.66 5.97
C PRO A 85 15.67 29.04 7.12
N ASP A 86 15.19 29.19 8.35
CA ASP A 86 15.90 28.62 9.50
C ASP A 86 16.00 27.11 9.35
N PHE A 87 14.94 26.49 8.82
CA PHE A 87 14.95 25.05 8.60
C PHE A 87 15.94 24.70 7.49
N ILE A 88 15.80 25.36 6.34
CA ILE A 88 16.68 25.13 5.21
C ILE A 88 18.14 25.27 5.60
N GLU A 89 18.40 26.16 6.55
CA GLU A 89 19.75 26.42 7.04
C GLU A 89 20.34 25.16 7.68
N ILE A 90 19.52 24.47 8.46
CA ILE A 90 19.93 23.24 9.13
C ILE A 90 20.02 22.10 8.11
N PHE A 91 19.11 22.13 7.15
CA PHE A 91 19.07 21.13 6.09
C PHE A 91 20.43 20.99 5.43
N ASN A 92 20.95 22.10 4.90
CA ASN A 92 22.25 22.10 4.25
C ASN A 92 23.34 21.77 5.25
N GLU A 93 23.18 22.23 6.49
CA GLU A 93 24.15 21.94 7.53
C GLU A 93 24.33 20.44 7.62
N ASN A 94 23.21 19.72 7.61
CA ASN A 94 23.23 18.26 7.69
C ASN A 94 23.71 17.63 6.40
N ALA A 95 23.34 18.23 5.27
CA ALA A 95 23.74 17.70 3.97
C ALA A 95 25.28 17.65 3.93
N VAL A 96 25.92 18.72 4.40
CA VAL A 96 27.36 18.74 4.40
C VAL A 96 27.91 17.74 5.41
N LYS A 97 27.30 17.63 6.58
CA LYS A 97 27.77 16.66 7.59
C LYS A 97 27.53 15.22 7.15
N ALA A 98 26.87 15.02 6.01
CA ALA A 98 26.60 13.65 5.56
C ALA A 98 27.31 13.32 4.26
N ASN A 99 28.09 14.27 3.74
CA ASN A 99 28.83 14.06 2.50
C ASN A 99 27.94 13.89 1.29
N CYS A 100 26.88 14.69 1.19
CA CYS A 100 26.00 14.58 0.05
C CYS A 100 25.40 15.91 -0.31
N ALA A 101 26.19 16.97 -0.08
CA ALA A 101 25.74 18.33 -0.39
C ALA A 101 25.65 18.52 -1.91
N ASP A 102 26.27 17.61 -2.64
CA ASP A 102 26.28 17.67 -4.10
C ASP A 102 24.92 17.37 -4.71
N ARG A 103 24.29 16.29 -4.23
CA ARG A 103 22.97 15.88 -4.71
C ARG A 103 21.84 16.25 -3.74
N VAL A 104 22.17 16.59 -2.50
CA VAL A 104 21.14 16.96 -1.53
C VAL A 104 21.31 18.45 -1.21
N LYS A 105 20.42 19.26 -1.76
CA LYS A 105 20.45 20.70 -1.57
C LYS A 105 19.08 21.26 -1.19
N GLY A 106 19.07 22.08 -0.15
CA GLY A 106 17.83 22.69 0.32
C GLY A 106 17.74 24.16 0.00
N ILE A 107 16.57 24.59 -0.49
CA ILE A 107 16.34 25.98 -0.81
C ILE A 107 15.02 26.43 -0.22
N THR A 108 14.93 27.71 0.11
CA THR A 108 13.70 28.25 0.68
C THR A 108 12.72 28.47 -0.47
N GLY A 109 11.44 28.27 -0.22
CA GLY A 109 10.45 28.44 -1.26
C GLY A 109 9.07 28.18 -0.72
N SER A 110 8.06 28.33 -1.57
CA SER A 110 6.69 28.11 -1.13
C SER A 110 6.07 26.88 -1.79
N MET A 111 5.02 26.37 -1.19
CA MET A 111 4.33 25.19 -1.64
C MET A 111 3.29 25.51 -2.71
N ASP A 112 2.82 26.76 -2.74
CA ASP A 112 1.81 27.17 -3.71
C ASP A 112 2.44 27.94 -4.88
N ASN A 113 3.75 27.80 -5.02
CA ASN A 113 4.47 28.49 -6.08
C ASN A 113 5.88 27.90 -6.06
N LEU A 114 6.04 26.79 -6.79
CA LEU A 114 7.30 26.07 -6.86
C LEU A 114 8.18 26.51 -8.02
N PRO A 115 9.50 26.56 -7.79
CA PRO A 115 10.47 26.96 -8.82
C PRO A 115 10.89 25.78 -9.68
N PHE A 116 9.91 25.06 -10.24
CA PHE A 116 10.17 23.89 -11.08
C PHE A 116 9.53 24.02 -12.46
N GLN A 117 10.30 23.66 -13.49
CA GLN A 117 9.81 23.71 -14.87
C GLN A 117 8.85 22.55 -15.03
N ASN A 118 7.90 22.66 -15.95
CA ASN A 118 6.97 21.56 -16.16
C ASN A 118 7.70 20.31 -16.62
N GLU A 119 7.27 19.17 -16.10
CA GLU A 119 7.83 17.86 -16.44
C GLU A 119 9.35 17.74 -16.23
N GLU A 120 9.83 18.46 -15.21
CA GLU A 120 11.24 18.48 -14.85
C GLU A 120 11.59 17.46 -13.76
N LEU A 121 10.59 17.12 -12.94
CA LEU A 121 10.79 16.17 -11.85
C LEU A 121 10.34 14.74 -12.11
N ASP A 122 11.14 13.80 -11.60
CA ASP A 122 10.88 12.36 -11.72
C ASP A 122 10.13 11.85 -10.49
N LEU A 123 10.32 12.55 -9.37
CA LEU A 123 9.72 12.17 -8.12
C LEU A 123 9.45 13.34 -7.19
N ILE A 124 8.21 13.44 -6.72
CA ILE A 124 7.80 14.48 -5.79
C ILE A 124 7.51 13.80 -4.45
N TRP A 125 8.21 14.24 -3.41
CA TRP A 125 8.07 13.68 -2.05
C TRP A 125 7.52 14.73 -1.10
N SER A 126 6.77 14.31 -0.08
CA SER A 126 6.23 15.26 0.90
C SER A 126 5.60 14.57 2.11
N GLU A 127 6.21 14.75 3.27
CA GLU A 127 5.71 14.12 4.47
C GLU A 127 5.10 15.09 5.45
N GLY A 128 3.86 14.81 5.86
CA GLY A 128 3.16 15.66 6.79
C GLY A 128 3.23 17.14 6.47
N ALA A 129 3.07 17.48 5.19
CA ALA A 129 3.10 18.88 4.77
C ALA A 129 2.03 19.25 3.75
N ILE A 130 1.51 18.27 3.03
CA ILE A 130 0.49 18.50 2.01
C ILE A 130 -0.72 19.24 2.57
N TYR A 131 -0.96 19.08 3.87
CA TYR A 131 -2.09 19.71 4.57
C TYR A 131 -2.09 21.23 4.47
N ASN A 132 -0.90 21.81 4.30
CA ASN A 132 -0.77 23.25 4.20
C ASN A 132 -1.47 23.86 2.98
N ILE A 133 -1.59 23.10 1.89
CA ILE A 133 -2.28 23.60 0.69
C ILE A 133 -3.42 22.72 0.25
N GLY A 134 -3.80 21.75 1.09
CA GLY A 134 -4.89 20.87 0.72
C GLY A 134 -4.40 19.67 -0.09
N PHE A 135 -4.89 18.49 0.27
CA PHE A 135 -4.51 17.25 -0.40
C PHE A 135 -4.78 17.36 -1.90
N GLU A 136 -6.06 17.47 -2.24
CA GLU A 136 -6.46 17.55 -3.64
C GLU A 136 -5.74 18.66 -4.41
N ARG A 137 -5.72 19.87 -3.85
CA ARG A 137 -5.07 20.97 -4.51
C ARG A 137 -3.62 20.62 -4.84
N GLY A 138 -2.86 20.17 -3.84
CA GLY A 138 -1.47 19.80 -4.08
C GLY A 138 -1.29 18.74 -5.15
N MET A 139 -2.15 17.71 -5.11
CA MET A 139 -2.11 16.62 -6.09
C MET A 139 -2.17 17.18 -7.51
N ASN A 140 -3.12 18.06 -7.77
CA ASN A 140 -3.29 18.65 -9.09
C ASN A 140 -2.25 19.70 -9.44
N GLU A 141 -2.00 20.62 -8.52
CA GLU A 141 -1.04 21.68 -8.77
C GLU A 141 0.40 21.21 -8.94
N TRP A 142 0.80 20.18 -8.19
CA TRP A 142 2.17 19.69 -8.33
C TRP A 142 2.38 18.83 -9.59
N SER A 143 1.32 18.16 -10.04
CA SER A 143 1.37 17.31 -11.24
C SER A 143 2.20 17.94 -12.37
N LYS A 144 1.88 19.18 -12.68
CA LYS A 144 2.55 19.93 -13.73
C LYS A 144 4.06 19.70 -13.78
N TYR A 145 4.68 19.73 -12.61
CA TYR A 145 6.13 19.57 -12.52
C TYR A 145 6.65 18.15 -12.66
N LEU A 146 5.75 17.20 -12.89
CA LEU A 146 6.14 15.80 -12.97
C LEU A 146 6.13 15.22 -14.38
N LYS A 147 7.18 14.46 -14.71
CA LYS A 147 7.29 13.81 -16.02
C LYS A 147 6.15 12.79 -16.13
N LYS A 148 5.88 12.32 -17.34
CA LYS A 148 4.85 11.29 -17.52
C LYS A 148 5.51 10.01 -17.01
N GLY A 149 4.85 9.29 -16.10
CA GLY A 149 5.45 8.07 -15.59
C GLY A 149 6.24 8.35 -14.33
N GLY A 150 6.22 9.61 -13.91
CA GLY A 150 6.91 10.00 -12.69
C GLY A 150 6.02 9.66 -11.52
N PHE A 151 6.61 9.65 -10.32
CA PHE A 151 5.87 9.31 -9.11
C PHE A 151 5.74 10.43 -8.13
N ILE A 152 4.68 10.34 -7.32
CA ILE A 152 4.44 11.30 -6.26
C ILE A 152 4.16 10.44 -5.02
N ALA A 153 4.75 10.79 -3.89
CA ALA A 153 4.55 10.03 -2.66
C ALA A 153 4.38 11.00 -1.52
N VAL A 154 3.21 11.02 -0.90
CA VAL A 154 3.00 11.93 0.21
C VAL A 154 2.28 11.25 1.38
N SER A 155 2.65 11.63 2.60
CA SER A 155 2.01 11.08 3.80
C SER A 155 1.04 12.14 4.28
N GLU A 156 -0.17 11.71 4.60
CA GLU A 156 -1.24 12.61 5.03
C GLU A 156 -2.10 12.02 6.13
N ALA A 157 -2.59 12.87 7.02
CA ALA A 157 -3.46 12.42 8.10
C ALA A 157 -4.82 12.08 7.50
N SER A 158 -5.37 10.94 7.91
CA SER A 158 -6.66 10.48 7.41
C SER A 158 -7.45 9.69 8.44
N TRP A 159 -8.71 9.42 8.11
CA TRP A 159 -9.60 8.67 8.99
C TRP A 159 -9.49 7.20 8.62
N PHE A 160 -9.70 6.32 9.60
CA PHE A 160 -9.65 4.89 9.35
C PHE A 160 -11.05 4.27 9.39
N THR A 161 -12.04 5.03 9.84
CA THR A 161 -13.41 4.54 9.92
C THR A 161 -14.37 5.56 9.31
N SER A 162 -15.65 5.20 9.28
CA SER A 162 -16.69 6.06 8.71
C SER A 162 -17.22 7.09 9.73
N GLU A 163 -16.97 6.82 11.01
CA GLU A 163 -17.40 7.74 12.06
C GLU A 163 -16.48 7.56 13.28
N ARG A 164 -16.11 8.66 13.90
CA ARG A 164 -15.20 8.63 15.05
C ARG A 164 -15.76 9.41 16.23
N PRO A 165 -15.10 9.31 17.41
CA PRO A 165 -15.53 10.01 18.63
C PRO A 165 -15.62 11.52 18.41
N ALA A 166 -16.46 12.18 19.18
CA ALA A 166 -16.65 13.63 19.05
C ALA A 166 -15.35 14.41 19.26
N GLU A 167 -14.74 14.25 20.43
CA GLU A 167 -13.51 14.95 20.75
C GLU A 167 -12.45 14.97 19.63
N ILE A 168 -12.07 13.79 19.14
CA ILE A 168 -11.05 13.69 18.07
C ILE A 168 -11.50 14.30 16.76
N GLU A 169 -12.79 14.16 16.46
CA GLU A 169 -13.37 14.70 15.24
C GLU A 169 -13.27 16.21 15.22
N ASP A 170 -13.57 16.82 16.36
CA ASP A 170 -13.50 18.26 16.48
C ASP A 170 -12.09 18.76 16.23
N PHE A 171 -11.14 18.20 16.97
CA PHE A 171 -9.73 18.58 16.86
C PHE A 171 -9.28 18.74 15.42
N TRP A 172 -9.61 17.76 14.58
CA TRP A 172 -9.21 17.80 13.18
C TRP A 172 -10.04 18.72 12.32
N MET A 173 -11.37 18.61 12.41
CA MET A 173 -12.26 19.46 11.62
C MET A 173 -11.89 20.94 11.79
N ASP A 174 -11.22 21.23 12.89
CA ASP A 174 -10.78 22.59 13.18
C ASP A 174 -9.33 22.77 12.74
N ALA A 175 -8.50 21.76 12.97
CA ALA A 175 -7.09 21.82 12.59
C ALA A 175 -6.89 21.67 11.08
N TYR A 176 -7.53 20.65 10.53
CA TYR A 176 -7.43 20.38 9.10
C TYR A 176 -8.77 19.82 8.62
N PRO A 177 -9.64 20.69 8.08
CA PRO A 177 -10.98 20.33 7.58
C PRO A 177 -10.99 19.32 6.42
N GLU A 178 -9.93 19.32 5.62
CA GLU A 178 -9.84 18.42 4.47
C GLU A 178 -9.49 16.98 4.84
N ILE A 179 -9.36 16.69 6.13
CA ILE A 179 -9.07 15.34 6.56
C ILE A 179 -10.24 14.45 6.17
N SER A 180 -9.98 13.50 5.27
CA SER A 180 -11.00 12.57 4.79
C SER A 180 -10.59 11.11 4.97
N VAL A 181 -11.49 10.18 4.69
CA VAL A 181 -11.17 8.76 4.81
C VAL A 181 -10.26 8.38 3.65
N ILE A 182 -9.52 7.28 3.84
CA ILE A 182 -8.57 6.78 2.83
C ILE A 182 -9.17 6.61 1.44
N PRO A 183 -10.39 6.05 1.35
CA PRO A 183 -11.02 5.86 0.04
C PRO A 183 -11.15 7.17 -0.73
N THR A 184 -11.45 8.24 0.00
CA THR A 184 -11.63 9.57 -0.60
C THR A 184 -10.35 10.17 -1.16
N CYS A 185 -9.23 9.97 -0.45
CA CYS A 185 -7.94 10.50 -0.91
C CYS A 185 -7.55 9.82 -2.22
N ILE A 186 -7.63 8.49 -2.26
CA ILE A 186 -7.25 7.73 -3.46
C ILE A 186 -8.11 8.14 -4.63
N ASP A 187 -9.34 8.49 -4.32
CA ASP A 187 -10.28 8.94 -5.32
C ASP A 187 -9.76 10.24 -5.92
N LYS A 188 -9.25 11.12 -5.07
CA LYS A 188 -8.71 12.40 -5.53
C LYS A 188 -7.43 12.20 -6.32
N MET A 189 -6.74 11.08 -6.11
CA MET A 189 -5.51 10.84 -6.86
C MET A 189 -5.81 10.55 -8.33
N GLU A 190 -6.85 9.74 -8.59
CA GLU A 190 -7.22 9.43 -9.97
C GLU A 190 -7.58 10.72 -10.72
N ARG A 191 -8.40 11.54 -10.05
CA ARG A 191 -8.84 12.82 -10.62
C ARG A 191 -7.65 13.60 -11.14
N ALA A 192 -6.61 13.73 -10.32
CA ALA A 192 -5.43 14.48 -10.71
C ALA A 192 -4.57 13.77 -11.77
N GLY A 193 -5.02 12.60 -12.21
CA GLY A 193 -4.28 11.89 -13.24
C GLY A 193 -3.23 10.93 -12.73
N TYR A 194 -3.43 10.42 -11.52
CA TYR A 194 -2.48 9.49 -10.93
C TYR A 194 -2.99 8.05 -10.83
N THR A 195 -2.15 7.10 -11.22
CA THR A 195 -2.49 5.68 -11.09
C THR A 195 -2.26 5.44 -9.59
N PRO A 196 -3.32 5.13 -8.83
CA PRO A 196 -3.13 4.89 -7.39
C PRO A 196 -2.30 3.65 -7.03
N THR A 197 -1.00 3.73 -7.31
CA THR A 197 -0.07 2.63 -7.05
C THR A 197 -0.21 1.94 -5.71
N ALA A 198 -0.25 2.72 -4.65
CA ALA A 198 -0.37 2.14 -3.30
C ALA A 198 -0.64 3.17 -2.22
N HIS A 199 -0.93 2.66 -1.03
CA HIS A 199 -1.18 3.48 0.14
C HIS A 199 -0.97 2.55 1.33
N PHE A 200 -0.55 3.07 2.46
CA PHE A 200 -0.39 2.23 3.64
C PHE A 200 -0.41 3.13 4.85
N ILE A 201 -0.98 2.63 5.94
CA ILE A 201 -1.05 3.42 7.16
C ILE A 201 0.31 3.40 7.81
N LEU A 202 0.69 4.52 8.41
CA LEU A 202 1.98 4.62 9.04
C LEU A 202 1.94 3.93 10.38
N PRO A 203 2.99 3.15 10.69
CA PRO A 203 3.14 2.42 11.94
C PRO A 203 3.08 3.36 13.13
N GLU A 204 2.53 2.86 14.23
CA GLU A 204 2.38 3.65 15.45
C GLU A 204 3.69 4.25 15.97
N ASN A 205 4.80 3.55 15.76
CA ASN A 205 6.10 4.03 16.23
C ASN A 205 6.47 5.33 15.52
N CYS A 206 5.92 5.56 14.32
CA CYS A 206 6.19 6.80 13.59
C CYS A 206 5.75 8.01 14.38
N TRP A 207 4.71 7.84 15.18
CA TRP A 207 4.19 8.92 15.99
C TRP A 207 4.91 9.04 17.32
N THR A 208 4.83 7.99 18.12
CA THR A 208 5.44 7.98 19.44
C THR A 208 6.97 8.00 19.47
N GLU A 209 7.60 7.02 18.82
CA GLU A 209 9.05 6.94 18.83
C GLU A 209 9.77 8.06 18.10
N HIS A 210 9.29 8.40 16.90
CA HIS A 210 9.95 9.42 16.07
C HIS A 210 9.42 10.85 16.09
N TYR A 211 8.27 11.08 16.72
CA TYR A 211 7.71 12.43 16.79
C TYR A 211 7.46 12.94 18.21
N PHE A 212 6.83 12.13 19.05
CA PHE A 212 6.53 12.52 20.44
C PHE A 212 7.70 12.37 21.42
N ALA A 213 8.25 11.16 21.51
CA ALA A 213 9.36 10.90 22.41
C ALA A 213 10.47 11.96 22.31
N PRO A 214 10.83 12.37 21.08
CA PRO A 214 11.87 13.40 20.94
C PRO A 214 11.44 14.76 21.50
N GLN A 215 10.14 14.99 21.62
CA GLN A 215 9.66 16.26 22.16
C GLN A 215 9.89 16.40 23.66
N ASP A 216 10.19 15.28 24.31
CA ASP A 216 10.44 15.28 25.75
C ASP A 216 11.87 15.63 26.03
N GLU A 217 12.74 15.31 25.09
CA GLU A 217 14.17 15.57 25.23
C GLU A 217 14.45 17.07 25.29
N VAL A 218 13.54 17.88 24.75
CA VAL A 218 13.70 19.33 24.73
C VAL A 218 12.57 20.09 25.41
N ARG A 219 11.80 19.39 26.24
CA ARG A 219 10.69 20.03 26.95
C ARG A 219 11.14 20.96 28.07
N GLU A 220 11.93 20.44 29.00
CA GLU A 220 12.39 21.24 30.13
C GLU A 220 13.24 22.45 29.71
N THR A 221 14.26 22.22 28.90
CA THR A 221 15.09 23.34 28.46
C THR A 221 14.19 24.45 27.90
N PHE A 222 13.07 24.04 27.29
CA PHE A 222 12.13 24.98 26.68
C PHE A 222 11.21 25.62 27.72
N MET A 223 10.44 24.78 28.40
CA MET A 223 9.51 25.24 29.44
C MET A 223 10.11 26.27 30.37
N LYS A 224 11.44 26.30 30.47
CA LYS A 224 12.14 27.25 31.32
C LYS A 224 12.17 28.63 30.68
N GLU A 225 12.63 28.68 29.44
CA GLU A 225 12.73 29.92 28.70
C GLU A 225 11.42 30.65 28.45
N HIS A 226 10.29 29.94 28.51
CA HIS A 226 9.00 30.56 28.24
C HIS A 226 7.94 30.29 29.29
N ALA A 227 8.36 29.84 30.46
CA ALA A 227 7.44 29.54 31.56
C ALA A 227 6.42 30.63 31.91
N GLY A 228 6.83 31.89 31.79
CA GLY A 228 5.93 32.99 32.12
C GLY A 228 5.07 33.50 30.97
N ASN A 229 5.40 33.08 29.74
CA ASN A 229 4.66 33.51 28.57
C ASN A 229 3.39 32.72 28.34
N LYS A 230 2.26 33.41 28.36
CA LYS A 230 0.95 32.81 28.15
C LYS A 230 0.84 32.07 26.81
N THR A 231 1.21 32.74 25.70
CA THR A 231 1.17 32.14 24.37
C THR A 231 1.98 30.84 24.33
N ALA A 232 3.26 30.93 24.70
CA ALA A 232 4.15 29.78 24.69
C ALA A 232 3.60 28.59 25.48
N MET A 233 2.89 28.89 26.56
CA MET A 233 2.31 27.85 27.40
C MET A 233 1.13 27.17 26.71
N ASP A 234 0.25 27.96 26.12
CA ASP A 234 -0.91 27.38 25.43
C ASP A 234 -0.45 26.52 24.28
N PHE A 235 0.71 26.84 23.71
CA PHE A 235 1.26 26.06 22.61
C PHE A 235 1.80 24.75 23.17
N MET A 236 2.60 24.85 24.23
CA MET A 236 3.17 23.66 24.86
C MET A 236 2.05 22.70 25.29
N LYS A 237 0.95 23.27 25.78
CA LYS A 237 -0.17 22.45 26.22
C LYS A 237 -0.79 21.83 24.99
N GLY A 238 -0.65 22.52 23.86
CA GLY A 238 -1.19 22.01 22.61
C GLY A 238 -0.39 20.80 22.18
N GLN A 239 0.94 20.90 22.25
CA GLN A 239 1.82 19.79 21.88
C GLN A 239 1.60 18.58 22.77
N GLN A 240 1.29 18.82 24.04
CA GLN A 240 1.04 17.74 24.98
C GLN A 240 -0.37 17.18 24.78
N TYR A 241 -1.26 18.01 24.25
CA TYR A 241 -2.64 17.59 24.02
C TYR A 241 -2.72 16.66 22.82
N GLU A 242 -1.79 16.82 21.87
CA GLU A 242 -1.75 15.98 20.68
C GLU A 242 -1.46 14.53 21.06
N ARG A 243 -0.48 14.33 21.95
CA ARG A 243 -0.11 12.98 22.40
C ARG A 243 -1.27 12.35 23.13
N SER A 244 -1.95 13.15 23.94
CA SER A 244 -3.09 12.65 24.70
C SER A 244 -4.12 12.13 23.72
N LEU A 245 -4.34 12.89 22.65
CA LEU A 245 -5.31 12.53 21.62
C LEU A 245 -4.89 11.29 20.85
N TYR A 246 -3.61 11.18 20.56
CA TYR A 246 -3.11 10.03 19.82
C TYR A 246 -3.20 8.75 20.65
N SER A 247 -2.77 8.82 21.91
CA SER A 247 -2.81 7.66 22.80
C SER A 247 -4.25 7.20 23.04
N LYS A 248 -5.19 8.12 22.87
CA LYS A 248 -6.61 7.86 23.10
C LYS A 248 -7.43 7.51 21.85
N TYR A 249 -6.98 7.94 20.68
CA TYR A 249 -7.71 7.67 19.44
C TYR A 249 -6.84 7.14 18.32
N LYS A 250 -5.76 6.47 18.68
CA LYS A 250 -4.82 5.89 17.72
C LYS A 250 -5.51 4.84 16.86
N ASP A 251 -6.77 4.55 17.17
CA ASP A 251 -7.55 3.56 16.42
C ASP A 251 -8.49 4.20 15.39
N TYR A 252 -8.54 5.53 15.36
CA TYR A 252 -9.44 6.22 14.43
C TYR A 252 -8.77 7.09 13.38
N TYR A 253 -7.52 7.50 13.62
CA TYR A 253 -6.83 8.35 12.66
C TYR A 253 -5.33 8.14 12.68
N GLY A 254 -4.64 8.85 11.80
CA GLY A 254 -3.20 8.74 11.72
C GLY A 254 -2.72 9.19 10.37
N TYR A 255 -1.43 9.02 10.12
CA TYR A 255 -0.83 9.41 8.87
C TYR A 255 -0.88 8.24 7.90
N VAL A 256 -1.16 8.53 6.65
CA VAL A 256 -1.25 7.51 5.61
C VAL A 256 -0.36 7.94 4.43
N PHE A 257 0.43 7.00 3.94
CA PHE A 257 1.32 7.28 2.82
C PHE A 257 0.60 6.94 1.54
N TYR A 258 0.58 7.90 0.61
CA TYR A 258 -0.09 7.68 -0.68
C TYR A 258 0.92 7.77 -1.83
N ILE A 259 1.04 6.71 -2.62
CA ILE A 259 1.98 6.74 -3.71
C ILE A 259 1.25 6.61 -5.02
N GLY A 260 1.54 7.52 -5.95
CA GLY A 260 0.88 7.49 -7.24
C GLY A 260 1.83 7.68 -8.40
N GLN A 261 1.36 7.38 -9.60
CA GLN A 261 2.19 7.53 -10.81
C GLN A 261 1.45 8.35 -11.87
N LYS A 262 2.03 9.49 -12.23
CA LYS A 262 1.45 10.39 -13.23
C LYS A 262 1.28 9.71 -14.60
N ARG A 263 0.04 9.68 -15.09
CA ARG A 263 -0.28 9.05 -16.37
C ARG A 263 -0.06 9.96 -17.58
N PHE B 19 -15.78 -25.89 -16.97
CA PHE B 19 -14.64 -25.93 -16.01
C PHE B 19 -14.28 -27.37 -15.64
N SER B 20 -14.00 -28.18 -16.67
CA SER B 20 -13.63 -29.59 -16.48
C SER B 20 -12.15 -29.89 -16.83
N PHE B 21 -11.86 -30.17 -18.11
CA PHE B 21 -10.49 -30.47 -18.55
C PHE B 21 -9.55 -29.30 -18.26
N ILE B 22 -10.14 -28.11 -18.10
CA ILE B 22 -9.34 -26.93 -17.82
C ILE B 22 -8.38 -27.21 -16.66
N CYS B 23 -8.90 -27.81 -15.60
CA CYS B 23 -8.06 -28.11 -14.45
C CYS B 23 -6.87 -29.01 -14.77
N ASN B 24 -6.99 -29.84 -15.78
CA ASN B 24 -5.86 -30.70 -16.14
C ASN B 24 -4.80 -29.85 -16.84
N TYR B 25 -5.16 -28.60 -17.13
CA TYR B 25 -4.25 -27.66 -17.77
C TYR B 25 -3.54 -26.90 -16.68
N PHE B 26 -4.32 -26.31 -15.76
CA PHE B 26 -3.78 -25.52 -14.67
C PHE B 26 -2.99 -26.30 -13.62
N LYS B 27 -3.30 -27.58 -13.43
CA LYS B 27 -2.58 -28.38 -12.44
C LYS B 27 -1.12 -28.56 -12.85
N LEU B 28 -0.80 -28.13 -14.06
CA LEU B 28 0.57 -28.23 -14.58
C LEU B 28 1.35 -27.02 -14.09
N LEU B 29 0.74 -25.85 -14.26
CA LEU B 29 1.33 -24.56 -13.86
C LEU B 29 1.60 -24.46 -12.37
N LYS B 30 2.61 -23.66 -12.02
CA LYS B 30 2.99 -23.47 -10.63
C LYS B 30 2.12 -22.40 -9.96
N ARG B 31 1.44 -21.62 -10.79
CA ARG B 31 0.52 -20.56 -10.32
C ARG B 31 -0.66 -20.54 -11.27
N GLN B 32 -1.87 -20.52 -10.71
CA GLN B 32 -3.07 -20.48 -11.54
C GLN B 32 -3.62 -19.06 -11.65
N GLY B 33 -2.90 -18.10 -11.07
CA GLY B 33 -3.30 -16.70 -11.12
C GLY B 33 -2.07 -15.80 -11.03
N PRO B 34 -2.16 -14.51 -11.39
CA PRO B 34 -1.03 -13.56 -11.34
C PRO B 34 -0.46 -13.33 -9.94
N GLY B 35 0.87 -13.22 -9.85
CA GLY B 35 1.49 -12.98 -8.57
C GLY B 35 2.99 -13.19 -8.65
N SER B 36 3.66 -13.18 -7.50
CA SER B 36 5.12 -13.36 -7.46
C SER B 36 5.57 -13.37 -6.01
N PRO B 37 6.75 -13.95 -5.73
CA PRO B 37 7.24 -13.99 -4.35
C PRO B 37 7.35 -12.60 -3.73
N GLU B 38 7.56 -11.59 -4.58
CA GLU B 38 7.67 -10.21 -4.11
C GLU B 38 6.33 -9.67 -3.63
N ALA B 39 5.28 -9.92 -4.41
CA ALA B 39 3.97 -9.44 -4.05
C ALA B 39 3.53 -10.04 -2.70
N THR B 40 3.60 -11.37 -2.58
CA THR B 40 3.22 -12.03 -1.35
C THR B 40 4.01 -11.44 -0.18
N ARG B 41 5.32 -11.35 -0.35
CA ARG B 41 6.18 -10.81 0.69
C ARG B 41 5.87 -9.34 1.01
N LYS B 42 5.40 -8.57 0.03
CA LYS B 42 5.08 -7.17 0.32
C LYS B 42 3.76 -7.08 1.10
N ALA B 43 2.83 -7.97 0.81
CA ALA B 43 1.56 -7.98 1.51
C ALA B 43 1.84 -8.34 2.97
N VAL B 44 2.76 -9.27 3.16
CA VAL B 44 3.11 -9.70 4.50
C VAL B 44 3.70 -8.55 5.31
N SER B 45 4.44 -7.67 4.65
CA SER B 45 5.05 -6.54 5.34
C SER B 45 4.05 -5.63 6.03
N PHE B 46 2.78 -5.74 5.67
CA PHE B 46 1.78 -4.90 6.29
C PHE B 46 1.02 -5.53 7.43
N ILE B 47 1.14 -6.84 7.62
CA ILE B 47 0.43 -7.47 8.74
C ILE B 47 1.31 -7.56 9.98
N ASN B 48 0.73 -7.95 11.10
CA ASN B 48 1.51 -8.06 12.32
C ASN B 48 2.24 -9.37 12.40
N GLU B 49 3.36 -9.35 13.11
CA GLU B 49 4.14 -10.55 13.24
C GLU B 49 3.35 -11.66 13.93
N LEU B 50 3.58 -12.89 13.46
CA LEU B 50 2.87 -14.03 14.02
C LEU B 50 3.81 -15.00 14.70
N THR B 51 3.21 -15.87 15.52
CA THR B 51 3.98 -16.87 16.25
C THR B 51 3.70 -18.25 15.68
N ASP B 52 4.51 -19.22 16.06
CA ASP B 52 4.33 -20.60 15.59
C ASP B 52 2.96 -21.14 16.00
N ASP B 53 2.29 -20.44 16.90
CA ASP B 53 0.98 -20.87 17.36
C ASP B 53 -0.15 -20.12 16.67
N ALA B 54 0.17 -19.41 15.59
CA ALA B 54 -0.83 -18.66 14.86
C ALA B 54 -1.57 -19.58 13.91
N LYS B 55 -2.75 -19.17 13.48
CA LYS B 55 -3.54 -19.97 12.55
C LYS B 55 -3.80 -19.18 11.27
N ILE B 56 -3.28 -19.68 10.17
CA ILE B 56 -3.40 -19.04 8.87
C ILE B 56 -4.26 -19.84 7.89
N ALA B 57 -4.95 -19.13 7.01
CA ALA B 57 -5.78 -19.80 6.03
C ALA B 57 -5.68 -19.13 4.67
N ASP B 58 -5.27 -19.90 3.67
CA ASP B 58 -5.17 -19.39 2.31
C ASP B 58 -6.36 -19.92 1.50
N ILE B 59 -7.37 -19.08 1.30
CA ILE B 59 -8.58 -19.47 0.59
C ILE B 59 -8.46 -19.37 -0.92
N GLY B 60 -8.77 -20.48 -1.60
CA GLY B 60 -8.68 -20.50 -3.05
C GLY B 60 -7.21 -20.66 -3.37
N CYS B 61 -6.53 -21.48 -2.57
CA CYS B 61 -5.10 -21.71 -2.68
C CYS B 61 -4.58 -22.29 -3.99
N GLY B 62 -5.37 -23.12 -4.65
CA GLY B 62 -4.91 -23.71 -5.89
C GLY B 62 -3.83 -24.73 -5.59
N THR B 63 -2.80 -24.79 -6.44
CA THR B 63 -1.72 -25.74 -6.22
C THR B 63 -0.90 -25.35 -5.00
N GLY B 64 -1.08 -24.11 -4.56
CA GLY B 64 -0.36 -23.65 -3.39
C GLY B 64 0.91 -22.92 -3.77
N GLY B 65 0.92 -22.32 -4.94
CA GLY B 65 2.09 -21.62 -5.39
C GLY B 65 2.46 -20.49 -4.44
N GLN B 66 1.48 -19.66 -4.12
CA GLN B 66 1.75 -18.54 -3.23
C GLN B 66 1.67 -18.94 -1.76
N THR B 67 1.11 -20.11 -1.47
CA THR B 67 1.03 -20.55 -0.09
C THR B 67 2.40 -20.91 0.44
N LEU B 68 3.25 -21.44 -0.41
CA LEU B 68 4.59 -21.78 0.04
C LEU B 68 5.47 -20.54 0.24
N PHE B 69 5.25 -19.48 -0.56
CA PHE B 69 6.02 -18.25 -0.39
C PHE B 69 5.61 -17.71 0.97
N LEU B 70 4.31 -17.67 1.20
CA LEU B 70 3.79 -17.20 2.46
C LEU B 70 4.35 -18.03 3.61
N ALA B 71 4.64 -19.30 3.33
CA ALA B 71 5.18 -20.18 4.35
C ALA B 71 6.54 -19.71 4.84
N ASP B 72 7.31 -19.10 3.96
CA ASP B 72 8.63 -18.62 4.35
C ASP B 72 8.57 -17.22 4.93
N TYR B 73 7.44 -16.56 4.80
CA TYR B 73 7.36 -15.20 5.34
C TYR B 73 6.67 -15.02 6.68
N VAL B 74 5.91 -16.01 7.13
CA VAL B 74 5.24 -15.88 8.41
C VAL B 74 5.27 -17.19 9.19
N LYS B 75 5.16 -17.10 10.50
CA LYS B 75 5.12 -18.29 11.35
C LYS B 75 3.66 -18.69 11.51
N GLY B 76 3.43 -19.92 11.97
CA GLY B 76 2.06 -20.39 12.18
C GLY B 76 1.64 -21.60 11.36
N GLN B 77 0.44 -22.09 11.63
CA GLN B 77 -0.06 -23.24 10.92
C GLN B 77 -0.91 -22.78 9.75
N ILE B 78 -0.43 -23.01 8.54
CA ILE B 78 -1.15 -22.61 7.35
C ILE B 78 -2.05 -23.71 6.79
N THR B 79 -3.27 -23.32 6.44
CA THR B 79 -4.22 -24.27 5.89
C THR B 79 -4.79 -23.79 4.56
N GLY B 80 -4.34 -24.39 3.47
CA GLY B 80 -4.82 -23.99 2.17
C GLY B 80 -6.13 -24.71 1.86
N ILE B 81 -7.08 -24.00 1.31
CA ILE B 81 -8.36 -24.58 0.97
C ILE B 81 -8.73 -24.27 -0.46
N ASP B 82 -9.02 -25.32 -1.23
CA ASP B 82 -9.43 -25.14 -2.61
C ASP B 82 -10.60 -26.08 -2.93
N LEU B 83 -11.32 -25.78 -3.99
CA LEU B 83 -12.45 -26.61 -4.38
C LEU B 83 -11.99 -27.94 -4.99
N PHE B 84 -11.10 -27.86 -5.98
CA PHE B 84 -10.58 -29.03 -6.68
C PHE B 84 -9.58 -29.89 -5.92
N PRO B 85 -9.92 -31.18 -5.71
CA PRO B 85 -9.04 -32.10 -4.99
C PRO B 85 -7.74 -32.37 -5.73
N ASP B 86 -7.77 -32.27 -7.06
CA ASP B 86 -6.55 -32.51 -7.83
C ASP B 86 -5.49 -31.47 -7.44
N PHE B 87 -5.93 -30.23 -7.20
CA PHE B 87 -4.99 -29.20 -6.80
C PHE B 87 -4.45 -29.48 -5.41
N ILE B 88 -5.35 -29.76 -4.48
CA ILE B 88 -4.98 -30.05 -3.11
C ILE B 88 -4.00 -31.22 -3.03
N GLU B 89 -4.14 -32.14 -3.97
CA GLU B 89 -3.29 -33.32 -4.06
C GLU B 89 -1.82 -32.91 -4.30
N ILE B 90 -1.63 -31.96 -5.22
CA ILE B 90 -0.31 -31.46 -5.54
C ILE B 90 0.22 -30.60 -4.39
N PHE B 91 -0.69 -29.85 -3.78
CA PHE B 91 -0.38 -28.99 -2.66
C PHE B 91 0.42 -29.76 -1.60
N ASN B 92 -0.18 -30.83 -1.10
CA ASN B 92 0.46 -31.66 -0.10
C ASN B 92 1.71 -32.31 -0.66
N GLU B 93 1.66 -32.65 -1.94
CA GLU B 93 2.82 -33.25 -2.58
C GLU B 93 4.00 -32.32 -2.39
N ASN B 94 3.77 -31.04 -2.64
CA ASN B 94 4.81 -30.02 -2.53
C ASN B 94 5.17 -29.74 -1.09
N ALA B 95 4.17 -29.77 -0.21
CA ALA B 95 4.42 -29.52 1.21
C ALA B 95 5.41 -30.54 1.72
N VAL B 96 5.25 -31.80 1.31
CA VAL B 96 6.16 -32.83 1.74
C VAL B 96 7.53 -32.60 1.11
N LYS B 97 7.56 -32.24 -0.16
CA LYS B 97 8.83 -31.98 -0.85
C LYS B 97 9.56 -30.74 -0.32
N ALA B 98 8.94 -30.02 0.61
CA ALA B 98 9.58 -28.82 1.13
C ALA B 98 9.85 -28.93 2.63
N ASN B 99 9.55 -30.08 3.23
CA ASN B 99 9.80 -30.27 4.66
C ASN B 99 8.93 -29.38 5.54
N CYS B 100 7.67 -29.20 5.18
CA CYS B 100 6.81 -28.36 6.00
C CYS B 100 5.37 -28.87 5.95
N ALA B 101 5.23 -30.19 5.86
CA ALA B 101 3.91 -30.82 5.83
C ALA B 101 3.24 -30.70 7.20
N ASP B 102 4.06 -30.43 8.22
CA ASP B 102 3.57 -30.28 9.59
C ASP B 102 2.70 -29.03 9.80
N ARG B 103 3.17 -27.88 9.28
CA ARG B 103 2.46 -26.62 9.40
C ARG B 103 1.75 -26.24 8.10
N VAL B 104 2.15 -26.84 6.98
CA VAL B 104 1.50 -26.53 5.71
C VAL B 104 0.68 -27.74 5.27
N LYS B 105 -0.64 -27.61 5.38
CA LYS B 105 -1.56 -28.69 5.03
C LYS B 105 -2.73 -28.19 4.19
N GLY B 106 -2.97 -28.88 3.07
CA GLY B 106 -4.06 -28.51 2.21
C GLY B 106 -5.24 -29.45 2.30
N ILE B 107 -6.44 -28.90 2.31
CA ILE B 107 -7.65 -29.69 2.36
C ILE B 107 -8.65 -29.15 1.33
N THR B 108 -9.48 -30.04 0.81
CA THR B 108 -10.47 -29.64 -0.17
C THR B 108 -11.61 -28.97 0.60
N GLY B 109 -12.25 -27.99 -0.02
CA GLY B 109 -13.34 -27.30 0.64
C GLY B 109 -13.89 -26.20 -0.24
N SER B 110 -14.92 -25.51 0.21
CA SER B 110 -15.51 -24.44 -0.58
C SER B 110 -15.26 -23.06 0.03
N MET B 111 -15.43 -22.05 -0.81
CA MET B 111 -15.21 -20.66 -0.42
C MET B 111 -16.44 -20.03 0.23
N ASP B 112 -17.62 -20.59 -0.05
CA ASP B 112 -18.86 -20.06 0.50
C ASP B 112 -19.35 -20.91 1.66
N ASN B 113 -18.44 -21.69 2.23
CA ASN B 113 -18.77 -22.56 3.34
C ASN B 113 -17.44 -23.11 3.83
N LEU B 114 -16.79 -22.36 4.71
CA LEU B 114 -15.50 -22.72 5.27
C LEU B 114 -15.58 -23.52 6.58
N PRO B 115 -14.67 -24.48 6.77
CA PRO B 115 -14.65 -25.31 7.97
C PRO B 115 -13.83 -24.68 9.08
N PHE B 116 -14.15 -23.43 9.39
CA PHE B 116 -13.44 -22.68 10.43
C PHE B 116 -14.37 -22.16 11.51
N GLN B 117 -13.94 -22.32 12.76
CA GLN B 117 -14.72 -21.83 13.91
C GLN B 117 -14.58 -20.31 13.92
N ASN B 118 -15.56 -19.63 14.50
CA ASN B 118 -15.47 -18.18 14.56
C ASN B 118 -14.27 -17.73 15.39
N GLU B 119 -13.61 -16.68 14.92
CA GLU B 119 -12.44 -16.09 15.58
C GLU B 119 -11.31 -17.08 15.86
N GLU B 120 -11.15 -18.03 14.94
CA GLU B 120 -10.13 -19.08 15.02
C GLU B 120 -8.86 -18.72 14.25
N LEU B 121 -9.03 -17.89 13.21
CA LEU B 121 -7.92 -17.52 12.36
C LEU B 121 -7.28 -16.15 12.65
N ASP B 122 -5.95 -16.10 12.54
CA ASP B 122 -5.15 -14.89 12.77
C ASP B 122 -4.91 -14.17 11.46
N LEU B 123 -4.93 -14.94 10.38
CA LEU B 123 -4.67 -14.39 9.07
C LEU B 123 -5.38 -15.15 7.95
N ILE B 124 -6.09 -14.40 7.11
CA ILE B 124 -6.79 -14.96 5.97
C ILE B 124 -6.11 -14.46 4.69
N TRP B 125 -5.62 -15.39 3.88
CA TRP B 125 -4.92 -15.07 2.64
C TRP B 125 -5.69 -15.56 1.42
N SER B 126 -5.57 -14.87 0.29
CA SER B 126 -6.28 -15.28 -0.91
C SER B 126 -5.86 -14.49 -2.15
N GLU B 127 -5.18 -15.17 -3.05
CA GLU B 127 -4.72 -14.52 -4.26
C GLU B 127 -5.52 -14.91 -5.47
N GLY B 128 -5.97 -13.91 -6.22
CA GLY B 128 -6.74 -14.15 -7.41
C GLY B 128 -7.83 -15.21 -7.31
N ALA B 129 -8.56 -15.19 -6.20
CA ALA B 129 -9.64 -16.16 -6.00
C ALA B 129 -10.92 -15.52 -5.44
N ILE B 130 -10.78 -14.40 -4.74
CA ILE B 130 -11.93 -13.73 -4.14
C ILE B 130 -13.06 -13.49 -5.16
N TYR B 131 -12.69 -13.35 -6.43
CA TYR B 131 -13.65 -13.08 -7.50
C TYR B 131 -14.74 -14.15 -7.61
N ASN B 132 -14.42 -15.37 -7.17
CA ASN B 132 -15.36 -16.47 -7.23
C ASN B 132 -16.63 -16.26 -6.38
N ILE B 133 -16.51 -15.52 -5.29
CA ILE B 133 -17.69 -15.25 -4.45
C ILE B 133 -17.95 -13.77 -4.26
N GLY B 134 -17.31 -12.94 -5.07
CA GLY B 134 -17.50 -11.51 -4.93
C GLY B 134 -16.61 -10.92 -3.86
N PHE B 135 -15.97 -9.78 -4.16
CA PHE B 135 -15.08 -9.10 -3.23
C PHE B 135 -15.79 -8.77 -1.93
N GLU B 136 -16.84 -7.95 -2.03
CA GLU B 136 -17.59 -7.56 -0.84
C GLU B 136 -18.12 -8.74 -0.02
N ARG B 137 -18.78 -9.67 -0.69
CA ARG B 137 -19.32 -10.83 0.00
C ARG B 137 -18.21 -11.54 0.78
N GLY B 138 -17.10 -11.84 0.10
CA GLY B 138 -16.00 -12.51 0.76
C GLY B 138 -15.47 -11.76 1.97
N MET B 139 -15.34 -10.44 1.82
CA MET B 139 -14.86 -9.58 2.91
C MET B 139 -15.70 -9.76 4.17
N ASN B 140 -17.02 -9.69 4.02
CA ASN B 140 -17.93 -9.83 5.16
C ASN B 140 -18.09 -11.26 5.65
N GLU B 141 -18.29 -12.19 4.72
CA GLU B 141 -18.48 -13.58 5.10
C GLU B 141 -17.26 -14.21 5.78
N TRP B 142 -16.07 -13.84 5.35
CA TRP B 142 -14.87 -14.43 5.95
C TRP B 142 -14.54 -13.83 7.30
N SER B 143 -14.92 -12.57 7.51
CA SER B 143 -14.66 -11.87 8.76
C SER B 143 -14.92 -12.73 9.99
N LYS B 144 -16.08 -13.38 10.01
CA LYS B 144 -16.49 -14.25 11.11
C LYS B 144 -15.37 -15.12 11.66
N TYR B 145 -14.60 -15.71 10.76
CA TYR B 145 -13.51 -16.60 11.13
C TYR B 145 -12.21 -15.94 11.60
N LEU B 146 -12.22 -14.61 11.67
CA LEU B 146 -11.02 -13.89 12.06
C LEU B 146 -11.06 -13.29 13.46
N LYS B 147 -9.96 -13.42 14.18
CA LYS B 147 -9.86 -12.88 15.52
C LYS B 147 -9.92 -11.36 15.43
N LYS B 148 -10.16 -10.69 16.55
CA LYS B 148 -10.20 -9.22 16.57
C LYS B 148 -8.73 -8.82 16.46
N GLY B 149 -8.38 -7.99 15.49
CA GLY B 149 -6.99 -7.58 15.36
C GLY B 149 -6.25 -8.48 14.39
N GLY B 150 -7.00 -9.39 13.79
CA GLY B 150 -6.45 -10.31 12.82
C GLY B 150 -6.42 -9.60 11.48
N PHE B 151 -5.66 -10.15 10.54
CA PHE B 151 -5.53 -9.56 9.22
C PHE B 151 -6.08 -10.38 8.08
N ILE B 152 -6.44 -9.69 7.02
CA ILE B 152 -6.94 -10.33 5.81
C ILE B 152 -6.14 -9.69 4.66
N ALA B 153 -5.66 -10.49 3.73
CA ALA B 153 -4.87 -9.96 2.61
C ALA B 153 -5.28 -10.67 1.33
N VAL B 154 -5.89 -9.95 0.42
CA VAL B 154 -6.32 -10.58 -0.82
C VAL B 154 -5.95 -9.74 -2.04
N SER B 155 -5.59 -10.43 -3.13
CA SER B 155 -5.28 -9.75 -4.38
C SER B 155 -6.52 -9.90 -5.29
N GLU B 156 -6.92 -8.80 -5.90
CA GLU B 156 -8.09 -8.75 -6.73
C GLU B 156 -7.89 -7.85 -7.95
N ALA B 157 -8.52 -8.21 -9.05
CA ALA B 157 -8.42 -7.41 -10.26
C ALA B 157 -9.26 -6.16 -10.06
N SER B 158 -8.72 -5.02 -10.49
CA SER B 158 -9.40 -3.74 -10.35
C SER B 158 -9.04 -2.74 -11.46
N TRP B 159 -9.79 -1.64 -11.49
CA TRP B 159 -9.57 -0.59 -12.47
C TRP B 159 -8.59 0.42 -11.90
N PHE B 160 -7.84 1.08 -12.78
CA PHE B 160 -6.88 2.08 -12.34
C PHE B 160 -7.35 3.49 -12.71
N THR B 161 -8.38 3.56 -13.55
CA THR B 161 -8.92 4.86 -13.96
C THR B 161 -10.43 4.88 -13.80
N SER B 162 -11.04 6.02 -14.11
CA SER B 162 -12.49 6.21 -14.01
C SER B 162 -13.23 5.70 -15.28
N GLU B 163 -12.50 5.57 -16.38
CA GLU B 163 -13.07 5.09 -17.62
C GLU B 163 -11.98 4.41 -18.45
N ARG B 164 -12.31 3.30 -19.09
CA ARG B 164 -11.34 2.56 -19.90
C ARG B 164 -11.87 2.25 -21.29
N PRO B 165 -10.99 1.73 -22.18
CA PRO B 165 -11.40 1.39 -23.54
C PRO B 165 -12.57 0.41 -23.55
N ALA B 166 -13.33 0.42 -24.64
CA ALA B 166 -14.49 -0.47 -24.78
C ALA B 166 -14.12 -1.95 -24.69
N GLU B 167 -13.27 -2.42 -25.60
CA GLU B 167 -12.84 -3.81 -25.62
C GLU B 167 -12.50 -4.42 -24.24
N ILE B 168 -11.59 -3.79 -23.49
CA ILE B 168 -11.18 -4.29 -22.17
C ILE B 168 -12.33 -4.26 -21.15
N GLU B 169 -13.13 -3.20 -21.21
CA GLU B 169 -14.26 -3.05 -20.31
C GLU B 169 -15.25 -4.19 -20.49
N ASP B 170 -15.51 -4.55 -21.73
CA ASP B 170 -16.44 -5.63 -22.02
C ASP B 170 -15.92 -6.92 -21.42
N PHE B 171 -14.67 -7.26 -21.76
CA PHE B 171 -14.05 -8.50 -21.29
C PHE B 171 -14.32 -8.77 -19.82
N TRP B 172 -14.12 -7.75 -18.99
CA TRP B 172 -14.31 -7.87 -17.55
C TRP B 172 -15.77 -7.85 -17.11
N MET B 173 -16.53 -6.86 -17.57
CA MET B 173 -17.94 -6.76 -17.21
C MET B 173 -18.66 -8.08 -17.47
N ASP B 174 -18.09 -8.89 -18.36
CA ASP B 174 -18.66 -10.20 -18.68
C ASP B 174 -17.98 -11.28 -17.83
N ALA B 175 -16.67 -11.15 -17.66
CA ALA B 175 -15.89 -12.12 -16.89
C ALA B 175 -16.10 -11.97 -15.38
N TYR B 176 -16.04 -10.73 -14.91
CA TYR B 176 -16.22 -10.43 -13.51
C TYR B 176 -16.85 -9.05 -13.38
N PRO B 177 -18.19 -8.99 -13.26
CA PRO B 177 -18.96 -7.75 -13.15
C PRO B 177 -18.62 -6.89 -11.93
N GLU B 178 -18.17 -7.53 -10.85
CA GLU B 178 -17.83 -6.83 -9.60
C GLU B 178 -16.50 -6.09 -9.65
N ILE B 179 -15.83 -6.10 -10.81
CA ILE B 179 -14.56 -5.40 -10.94
C ILE B 179 -14.83 -3.91 -10.81
N SER B 180 -14.31 -3.31 -9.74
CA SER B 180 -14.50 -1.88 -9.47
C SER B 180 -13.16 -1.14 -9.31
N VAL B 181 -13.22 0.18 -9.17
CA VAL B 181 -11.99 0.95 -9.00
C VAL B 181 -11.47 0.72 -7.58
N ILE B 182 -10.17 0.95 -7.40
CA ILE B 182 -9.51 0.75 -6.11
C ILE B 182 -10.21 1.47 -4.97
N PRO B 183 -10.65 2.73 -5.19
CA PRO B 183 -11.33 3.46 -4.11
C PRO B 183 -12.55 2.70 -3.59
N THR B 184 -13.28 2.06 -4.51
CA THR B 184 -14.49 1.32 -4.17
C THR B 184 -14.22 0.06 -3.35
N CYS B 185 -13.15 -0.65 -3.67
CA CYS B 185 -12.80 -1.85 -2.90
C CYS B 185 -12.47 -1.48 -1.46
N ILE B 186 -11.63 -0.45 -1.28
CA ILE B 186 -11.23 -0.04 0.08
C ILE B 186 -12.44 0.40 0.87
N ASP B 187 -13.40 0.98 0.16
CA ASP B 187 -14.64 1.43 0.77
C ASP B 187 -15.38 0.20 1.31
N LYS B 188 -15.38 -0.88 0.53
CA LYS B 188 -16.05 -2.10 0.96
C LYS B 188 -15.34 -2.74 2.13
N MET B 189 -14.04 -2.45 2.31
CA MET B 189 -13.31 -3.02 3.42
C MET B 189 -13.76 -2.42 4.75
N GLU B 190 -13.96 -1.10 4.77
CA GLU B 190 -14.41 -0.45 6.00
C GLU B 190 -15.76 -1.03 6.41
N ARG B 191 -16.67 -1.13 5.44
CA ARG B 191 -17.99 -1.67 5.67
C ARG B 191 -17.92 -2.99 6.43
N ALA B 192 -17.10 -3.92 5.94
CA ALA B 192 -16.97 -5.22 6.58
C ALA B 192 -16.26 -5.19 7.93
N GLY B 193 -15.89 -3.99 8.39
CA GLY B 193 -15.21 -3.85 9.68
C GLY B 193 -13.70 -3.93 9.65
N TYR B 194 -13.12 -3.62 8.49
CA TYR B 194 -11.67 -3.67 8.34
C TYR B 194 -10.97 -2.32 8.29
N THR B 195 -9.89 -2.18 9.05
CA THR B 195 -9.09 -0.96 9.01
C THR B 195 -8.32 -1.13 7.70
N PRO B 196 -8.56 -0.27 6.71
CA PRO B 196 -7.83 -0.41 5.43
C PRO B 196 -6.31 -0.16 5.52
N THR B 197 -5.60 -1.07 6.18
CA THR B 197 -4.15 -0.95 6.38
C THR B 197 -3.35 -0.54 5.15
N ALA B 198 -3.61 -1.16 4.01
CA ALA B 198 -2.85 -0.84 2.80
C ALA B 198 -3.38 -1.51 1.55
N HIS B 199 -2.85 -1.07 0.42
CA HIS B 199 -3.20 -1.64 -0.88
C HIS B 199 -2.05 -1.27 -1.81
N PHE B 200 -1.81 -2.09 -2.82
CA PHE B 200 -0.78 -1.78 -3.77
C PHE B 200 -1.05 -2.57 -5.04
N ILE B 201 -0.71 -1.95 -6.17
CA ILE B 201 -0.92 -2.59 -7.45
C ILE B 201 0.18 -3.61 -7.65
N LEU B 202 -0.18 -4.76 -8.20
CA LEU B 202 0.81 -5.79 -8.45
C LEU B 202 1.68 -5.43 -9.63
N PRO B 203 2.99 -5.63 -9.49
CA PRO B 203 3.97 -5.34 -10.53
C PRO B 203 3.64 -6.12 -11.79
N GLU B 204 3.98 -5.54 -12.93
CA GLU B 204 3.72 -6.13 -14.23
C GLU B 204 4.33 -7.52 -14.38
N ASN B 205 5.48 -7.75 -13.78
CA ASN B 205 6.13 -9.05 -13.89
C ASN B 205 5.25 -10.16 -13.29
N CYS B 206 4.37 -9.80 -12.37
CA CYS B 206 3.48 -10.78 -11.76
C CYS B 206 2.58 -11.42 -12.79
N TRP B 207 2.28 -10.68 -13.85
CA TRP B 207 1.43 -11.17 -14.92
C TRP B 207 2.20 -11.96 -15.98
N THR B 208 3.15 -11.28 -16.61
CA THR B 208 3.96 -11.86 -17.67
C THR B 208 4.95 -12.91 -17.21
N GLU B 209 5.87 -12.54 -16.33
CA GLU B 209 6.87 -13.48 -15.86
C GLU B 209 6.34 -14.68 -15.09
N HIS B 210 5.41 -14.46 -14.15
CA HIS B 210 4.89 -15.53 -13.32
C HIS B 210 3.56 -16.18 -13.68
N TYR B 211 2.85 -15.64 -14.66
CA TYR B 211 1.56 -16.22 -15.06
C TYR B 211 1.51 -16.59 -16.55
N PHE B 212 1.90 -15.66 -17.41
CA PHE B 212 1.88 -15.89 -18.87
C PHE B 212 3.05 -16.70 -19.41
N ALA B 213 4.27 -16.25 -19.15
CA ALA B 213 5.48 -16.94 -19.60
C ALA B 213 5.43 -18.45 -19.33
N PRO B 214 4.99 -18.86 -18.13
CA PRO B 214 4.93 -20.29 -17.83
C PRO B 214 3.89 -21.05 -18.68
N GLN B 215 2.89 -20.33 -19.20
CA GLN B 215 1.86 -20.96 -20.03
C GLN B 215 2.35 -21.37 -21.41
N ASP B 216 3.55 -20.91 -21.75
CA ASP B 216 4.15 -21.23 -23.02
C ASP B 216 4.97 -22.49 -22.91
N GLU B 217 5.43 -22.77 -21.70
CA GLU B 217 6.24 -23.97 -21.45
C GLU B 217 5.40 -25.23 -21.63
N VAL B 218 4.08 -25.09 -21.49
CA VAL B 218 3.18 -26.23 -21.62
C VAL B 218 2.12 -26.08 -22.72
N ARG B 219 2.34 -25.17 -23.65
CA ARG B 219 1.39 -24.94 -24.74
C ARG B 219 1.41 -26.06 -25.78
N GLU B 220 2.58 -26.35 -26.33
CA GLU B 220 2.70 -27.37 -27.35
C GLU B 220 2.27 -28.75 -26.88
N THR B 221 2.81 -29.21 -25.77
CA THR B 221 2.47 -30.54 -25.26
C THR B 221 0.94 -30.63 -25.12
N PHE B 222 0.30 -29.49 -24.87
CA PHE B 222 -1.15 -29.43 -24.70
C PHE B 222 -1.86 -29.38 -26.06
N MET B 223 -1.59 -28.33 -26.82
CA MET B 223 -2.18 -28.14 -28.14
C MET B 223 -2.22 -29.41 -28.99
N LYS B 224 -1.34 -30.35 -28.68
CA LYS B 224 -1.27 -31.63 -29.39
C LYS B 224 -2.42 -32.55 -28.96
N GLU B 225 -2.54 -32.74 -27.65
CA GLU B 225 -3.55 -33.61 -27.08
C GLU B 225 -4.99 -33.20 -27.36
N HIS B 226 -5.22 -31.94 -27.68
CA HIS B 226 -6.59 -31.48 -27.91
C HIS B 226 -6.77 -30.68 -29.21
N ALA B 227 -5.81 -30.80 -30.12
CA ALA B 227 -5.83 -30.07 -31.39
C ALA B 227 -7.15 -30.16 -32.16
N GLY B 228 -7.79 -31.33 -32.12
CA GLY B 228 -9.05 -31.52 -32.83
C GLY B 228 -10.29 -31.13 -32.07
N ASN B 229 -10.15 -30.89 -30.76
CA ASN B 229 -11.29 -30.53 -29.92
C ASN B 229 -11.67 -29.05 -29.97
N LYS B 230 -12.87 -28.78 -30.46
CA LYS B 230 -13.40 -27.42 -30.59
C LYS B 230 -13.36 -26.65 -29.25
N THR B 231 -13.92 -27.27 -28.20
CA THR B 231 -13.96 -26.64 -26.87
C THR B 231 -12.55 -26.28 -26.39
N ALA B 232 -11.68 -27.28 -26.34
CA ALA B 232 -10.31 -27.09 -25.92
C ALA B 232 -9.60 -25.96 -26.68
N MET B 233 -9.90 -25.80 -27.97
CA MET B 233 -9.30 -24.75 -28.79
C MET B 233 -9.82 -23.37 -28.42
N ASP B 234 -11.13 -23.25 -28.24
CA ASP B 234 -11.70 -21.97 -27.89
C ASP B 234 -11.15 -21.52 -26.54
N PHE B 235 -10.80 -22.49 -25.69
CA PHE B 235 -10.24 -22.18 -24.37
C PHE B 235 -8.81 -21.68 -24.54
N MET B 236 -8.02 -22.42 -25.32
CA MET B 236 -6.64 -22.05 -25.58
C MET B 236 -6.58 -20.66 -26.19
N LYS B 237 -7.51 -20.36 -27.10
CA LYS B 237 -7.56 -19.05 -27.73
C LYS B 237 -7.92 -18.02 -26.67
N GLY B 238 -8.67 -18.47 -25.66
CA GLY B 238 -9.06 -17.59 -24.58
C GLY B 238 -7.83 -17.23 -23.76
N GLN B 239 -7.00 -18.24 -23.45
CA GLN B 239 -5.79 -18.02 -22.67
C GLN B 239 -4.82 -17.10 -23.42
N GLN B 240 -4.80 -17.20 -24.74
CA GLN B 240 -3.93 -16.37 -25.55
C GLN B 240 -4.54 -14.98 -25.73
N TYR B 241 -5.86 -14.89 -25.60
CA TYR B 241 -6.54 -13.62 -25.75
C TYR B 241 -6.33 -12.74 -24.51
N GLU B 242 -6.11 -13.39 -23.36
CA GLU B 242 -5.87 -12.67 -22.11
C GLU B 242 -4.57 -11.90 -22.20
N ARG B 243 -3.52 -12.56 -22.70
CA ARG B 243 -2.21 -11.91 -22.82
C ARG B 243 -2.31 -10.72 -23.75
N SER B 244 -3.04 -10.91 -24.84
CA SER B 244 -3.23 -9.88 -25.84
C SER B 244 -3.87 -8.66 -25.18
N LEU B 245 -4.84 -8.92 -24.33
CA LEU B 245 -5.54 -7.86 -23.60
C LEU B 245 -4.64 -7.17 -22.60
N TYR B 246 -3.81 -7.95 -21.91
CA TYR B 246 -2.92 -7.39 -20.90
C TYR B 246 -1.86 -6.52 -21.55
N SER B 247 -1.22 -7.04 -22.58
CA SER B 247 -0.17 -6.29 -23.29
C SER B 247 -0.71 -4.99 -23.86
N LYS B 248 -2.02 -4.97 -24.13
CA LYS B 248 -2.69 -3.84 -24.74
C LYS B 248 -3.37 -2.87 -23.78
N TYR B 249 -3.74 -3.36 -22.60
CA TYR B 249 -4.42 -2.51 -21.61
C TYR B 249 -3.83 -2.59 -20.21
N LYS B 250 -2.54 -2.90 -20.14
CA LYS B 250 -1.82 -3.01 -18.87
C LYS B 250 -1.82 -1.67 -18.12
N ASP B 251 -2.36 -0.63 -18.76
CA ASP B 251 -2.41 0.70 -18.17
C ASP B 251 -3.77 1.02 -17.57
N TYR B 252 -4.75 0.13 -17.77
CA TYR B 252 -6.10 0.36 -17.26
C TYR B 252 -6.59 -0.60 -16.17
N TYR B 253 -5.99 -1.78 -16.07
CA TYR B 253 -6.43 -2.74 -15.06
C TYR B 253 -5.29 -3.64 -14.58
N GLY B 254 -5.61 -4.49 -13.61
CA GLY B 254 -4.61 -5.40 -13.11
C GLY B 254 -5.01 -5.90 -11.73
N TYR B 255 -4.14 -6.67 -11.11
CA TYR B 255 -4.40 -7.21 -9.79
C TYR B 255 -3.92 -6.22 -8.73
N VAL B 256 -4.72 -6.07 -7.67
CA VAL B 256 -4.37 -5.15 -6.59
C VAL B 256 -4.44 -5.92 -5.28
N PHE B 257 -3.41 -5.76 -4.45
CA PHE B 257 -3.36 -6.44 -3.17
C PHE B 257 -4.00 -5.56 -2.11
N TYR B 258 -4.94 -6.11 -1.35
CA TYR B 258 -5.63 -5.33 -0.31
C TYR B 258 -5.38 -5.93 1.06
N ILE B 259 -4.82 -5.15 1.98
CA ILE B 259 -4.59 -5.67 3.31
C ILE B 259 -5.41 -4.90 4.33
N GLY B 260 -6.12 -5.65 5.18
CA GLY B 260 -6.96 -5.04 6.19
C GLY B 260 -6.78 -5.69 7.56
N GLN B 261 -7.31 -5.04 8.58
CA GLN B 261 -7.21 -5.56 9.93
C GLN B 261 -8.59 -5.49 10.60
N LYS B 262 -9.12 -6.65 10.99
CA LYS B 262 -10.43 -6.76 11.64
C LYS B 262 -10.47 -5.99 12.95
N ARG B 263 -11.41 -5.04 13.04
CA ARG B 263 -11.59 -4.21 14.23
C ARG B 263 -12.45 -4.86 15.32
#